data_1KIO
#
_entry.id   1KIO
#
_entity_poly.entity_id   1
_entity_poly.type   'polypeptide(L)'
_entity_poly.pdbx_seq_one_letter_code
;EVTCEPGTTFKDKCNTCRCGSDGKSAACTRMACPQ
;
_entity_poly.pdbx_strand_id   A
#
# COMPACT_ATOMS: atom_id res chain seq x y z
N GLU A 1 4.15 -3.04 8.36
CA GLU A 1 5.54 -2.71 7.97
C GLU A 1 5.63 -2.51 6.45
N VAL A 2 5.38 -1.32 5.98
CA VAL A 2 5.45 -1.07 4.50
C VAL A 2 6.85 -0.59 4.13
N THR A 3 7.57 -1.38 3.39
CA THR A 3 8.95 -0.97 2.97
C THR A 3 8.91 -0.48 1.51
N CYS A 4 7.78 -0.01 1.08
CA CYS A 4 7.67 0.48 -0.33
C CYS A 4 8.15 1.94 -0.42
N GLU A 5 8.35 2.41 -1.62
CA GLU A 5 8.80 3.81 -1.80
C GLU A 5 7.59 4.74 -1.99
N PRO A 6 7.61 5.84 -1.29
CA PRO A 6 6.49 6.81 -1.38
C PRO A 6 6.51 7.53 -2.74
N GLY A 7 5.45 7.39 -3.50
CA GLY A 7 5.41 8.05 -4.83
C GLY A 7 4.94 7.05 -5.89
N THR A 8 4.02 6.20 -5.55
CA THR A 8 3.52 5.20 -6.54
C THR A 8 2.38 4.37 -5.96
N THR A 9 1.84 3.49 -6.76
CA THR A 9 0.73 2.61 -6.28
C THR A 9 0.97 1.20 -6.80
N PHE A 10 0.60 0.20 -6.05
CA PHE A 10 0.84 -1.20 -6.52
C PHE A 10 -0.16 -2.17 -5.88
N LYS A 11 -0.50 -3.21 -6.58
CA LYS A 11 -1.47 -4.20 -6.02
C LYS A 11 -0.76 -5.16 -5.06
N ASP A 12 -0.63 -4.78 -3.81
CA ASP A 12 0.04 -5.67 -2.83
C ASP A 12 -1.00 -6.31 -1.92
N LYS A 13 -0.59 -7.21 -1.07
CA LYS A 13 -1.57 -7.87 -0.16
C LYS A 13 -2.80 -8.28 -0.98
N CYS A 14 -3.98 -8.04 -0.46
CA CYS A 14 -5.21 -8.42 -1.21
C CYS A 14 -5.94 -7.15 -1.66
N ASN A 15 -5.23 -6.06 -1.78
CA ASN A 15 -5.86 -4.78 -2.23
C ASN A 15 -4.78 -3.80 -2.66
N THR A 16 -5.10 -2.88 -3.53
CA THR A 16 -4.08 -1.89 -3.99
C THR A 16 -3.42 -1.24 -2.78
N CYS A 17 -2.48 -0.35 -3.01
CA CYS A 17 -1.79 0.34 -1.88
C CYS A 17 -0.95 1.50 -2.40
N ARG A 18 -1.54 2.66 -2.52
CA ARG A 18 -0.78 3.85 -3.03
C ARG A 18 0.28 4.25 -2.00
N CYS A 19 1.50 3.84 -2.20
CA CYS A 19 2.59 4.20 -1.24
C CYS A 19 2.45 5.67 -0.83
N GLY A 20 2.24 5.92 0.43
CA GLY A 20 2.09 7.33 0.90
C GLY A 20 3.29 8.16 0.43
N SER A 21 3.38 9.39 0.86
CA SER A 21 4.52 10.24 0.43
C SER A 21 5.56 10.33 1.55
N ASP A 22 5.34 9.64 2.65
CA ASP A 22 6.31 9.70 3.78
C ASP A 22 7.02 8.35 3.93
N GLY A 23 6.41 7.30 3.43
CA GLY A 23 7.05 5.95 3.55
C GLY A 23 6.43 5.19 4.73
N LYS A 24 6.51 3.89 4.71
CA LYS A 24 5.92 3.10 5.83
C LYS A 24 4.45 3.47 6.03
N SER A 25 3.75 3.78 4.98
CA SER A 25 2.32 4.16 5.11
C SER A 25 1.65 4.23 3.73
N ALA A 26 0.69 3.39 3.47
CA ALA A 26 0.01 3.42 2.15
C ALA A 26 -1.50 3.52 2.35
N ALA A 27 -2.22 3.91 1.32
CA ALA A 27 -3.71 4.03 1.45
C ALA A 27 -4.37 2.67 1.19
N CYS A 28 -4.12 2.10 0.06
CA CYS A 28 -4.73 0.78 -0.28
C CYS A 28 -6.25 0.92 -0.37
N THR A 29 -6.85 0.31 -1.37
CA THR A 29 -8.33 0.40 -1.52
C THR A 29 -9.03 -0.22 -0.31
N ARG A 30 -8.60 -1.38 0.11
CA ARG A 30 -9.24 -2.03 1.28
C ARG A 30 -8.27 -2.99 1.97
N MET A 31 -8.78 -3.97 2.67
CA MET A 31 -7.89 -4.93 3.37
C MET A 31 -8.53 -6.32 3.41
N ALA A 32 -8.31 -7.12 2.40
CA ALA A 32 -8.92 -8.48 2.38
C ALA A 32 -7.83 -9.54 2.48
N CYS A 33 -6.67 -9.20 2.95
CA CYS A 33 -5.58 -10.21 3.06
C CYS A 33 -5.30 -10.53 4.54
N PRO A 34 -5.99 -11.53 5.02
CA PRO A 34 -5.83 -11.96 6.42
C PRO A 34 -4.52 -12.75 6.59
N GLN A 35 -3.42 -12.19 6.16
CA GLN A 35 -2.12 -12.90 6.31
C GLN A 35 -1.31 -12.30 7.46
N GLU A 1 2.45 -0.21 8.89
CA GLU A 1 3.59 -1.06 8.47
C GLU A 1 3.73 -1.06 6.95
N VAL A 2 4.48 -0.14 6.41
CA VAL A 2 4.67 -0.08 4.93
C VAL A 2 6.15 -0.05 4.59
N THR A 3 6.53 -0.64 3.48
CA THR A 3 7.96 -0.65 3.09
C THR A 3 8.10 -0.25 1.62
N CYS A 4 7.02 0.05 0.97
CA CYS A 4 7.10 0.45 -0.47
C CYS A 4 7.68 1.86 -0.60
N GLU A 5 7.92 2.30 -1.80
CA GLU A 5 8.48 3.66 -2.00
C GLU A 5 7.34 4.68 -2.10
N PRO A 6 7.59 5.84 -1.57
CA PRO A 6 6.57 6.92 -1.58
C PRO A 6 6.40 7.50 -2.98
N GLY A 7 5.29 7.21 -3.62
CA GLY A 7 5.05 7.76 -4.99
C GLY A 7 5.14 6.62 -6.02
N THR A 8 4.28 5.64 -5.91
CA THR A 8 4.31 4.52 -6.90
C THR A 8 3.04 3.68 -6.82
N THR A 9 2.47 3.55 -5.65
CA THR A 9 1.21 2.74 -5.49
C THR A 9 1.41 1.34 -6.11
N PHE A 10 0.54 0.41 -5.81
CA PHE A 10 0.70 -0.96 -6.39
C PHE A 10 -0.37 -1.91 -5.86
N LYS A 11 -0.47 -3.08 -6.44
CA LYS A 11 -1.47 -4.08 -5.96
C LYS A 11 -0.77 -5.16 -5.16
N ASP A 12 -0.62 -4.98 -3.88
CA ASP A 12 0.07 -5.99 -3.04
C ASP A 12 -0.91 -6.65 -2.07
N LYS A 13 -0.44 -7.56 -1.28
CA LYS A 13 -1.35 -8.23 -0.30
C LYS A 13 -2.64 -8.69 -0.99
N CYS A 14 -3.72 -7.98 -0.81
CA CYS A 14 -4.99 -8.38 -1.48
C CYS A 14 -5.71 -7.16 -2.04
N ASN A 15 -5.01 -6.07 -2.23
CA ASN A 15 -5.66 -4.85 -2.77
C ASN A 15 -4.62 -3.77 -3.06
N THR A 16 -4.93 -2.84 -3.91
CA THR A 16 -3.96 -1.75 -4.23
C THR A 16 -3.48 -1.09 -2.94
N CYS A 17 -2.70 -0.06 -3.04
CA CYS A 17 -2.20 0.63 -1.83
C CYS A 17 -1.21 1.74 -2.21
N ARG A 18 -1.68 2.94 -2.33
CA ARG A 18 -0.79 4.07 -2.70
C ARG A 18 0.26 4.29 -1.61
N CYS A 19 1.50 4.03 -1.91
CA CYS A 19 2.57 4.23 -0.89
C CYS A 19 2.62 5.70 -0.45
N GLY A 20 2.23 5.97 0.77
CA GLY A 20 2.25 7.38 1.25
C GLY A 20 3.55 8.06 0.82
N SER A 21 3.61 9.36 0.90
CA SER A 21 4.85 10.08 0.50
C SER A 21 5.86 10.09 1.65
N ASP A 22 5.55 9.41 2.73
CA ASP A 22 6.50 9.37 3.88
C ASP A 22 7.34 8.11 3.83
N GLY A 23 6.98 7.16 3.01
CA GLY A 23 7.77 5.90 2.92
C GLY A 23 7.39 4.98 4.08
N LYS A 24 6.13 4.93 4.43
CA LYS A 24 5.70 4.04 5.54
C LYS A 24 4.24 4.33 5.92
N SER A 25 3.41 4.52 4.94
CA SER A 25 1.96 4.81 5.23
C SER A 25 1.16 4.83 3.93
N ALA A 26 0.47 3.76 3.64
CA ALA A 26 -0.32 3.73 2.38
C ALA A 26 -1.81 3.90 2.68
N ALA A 27 -2.67 3.34 1.87
CA ALA A 27 -4.13 3.49 2.10
C ALA A 27 -4.88 2.24 1.64
N CYS A 28 -4.45 1.69 0.55
CA CYS A 28 -5.11 0.48 0.00
C CYS A 28 -6.56 0.79 -0.39
N THR A 29 -6.97 0.36 -1.55
CA THR A 29 -8.37 0.64 -2.01
C THR A 29 -9.35 -0.39 -1.43
N ARG A 30 -9.02 -1.65 -1.52
CA ARG A 30 -9.95 -2.70 -1.00
C ARG A 30 -9.40 -3.32 0.30
N MET A 31 -10.13 -4.24 0.86
CA MET A 31 -9.66 -4.90 2.12
C MET A 31 -10.10 -6.37 2.13
N ALA A 32 -9.35 -7.23 1.49
CA ALA A 32 -9.73 -8.67 1.46
C ALA A 32 -8.59 -9.53 2.01
N CYS A 33 -7.52 -8.91 2.43
CA CYS A 33 -6.37 -9.70 2.97
C CYS A 33 -6.62 -10.03 4.46
N PRO A 34 -6.50 -11.30 4.77
CA PRO A 34 -6.71 -11.75 6.16
C PRO A 34 -5.54 -11.34 7.04
N GLN A 35 -4.45 -10.94 6.45
CA GLN A 35 -3.27 -10.52 7.26
C GLN A 35 -2.99 -11.55 8.36
N GLU A 1 9.14 1.52 3.41
CA GLU A 1 9.22 0.59 4.57
C GLU A 1 8.00 -0.33 4.59
N VAL A 2 6.83 0.22 4.77
CA VAL A 2 5.61 -0.61 4.79
C VAL A 2 5.70 -1.72 3.73
N THR A 3 5.90 -1.35 2.51
CA THR A 3 6.00 -2.35 1.42
C THR A 3 6.16 -1.66 0.06
N CYS A 4 6.67 -0.47 0.04
CA CYS A 4 6.83 0.25 -1.26
C CYS A 4 7.52 1.60 -1.04
N GLU A 5 7.74 2.33 -2.10
CA GLU A 5 8.40 3.66 -1.96
C GLU A 5 7.34 4.75 -2.05
N PRO A 6 7.59 5.86 -1.40
CA PRO A 6 6.64 6.99 -1.42
C PRO A 6 6.59 7.65 -2.80
N GLY A 7 5.42 7.79 -3.36
CA GLY A 7 5.31 8.44 -4.70
C GLY A 7 4.94 7.39 -5.75
N THR A 8 4.21 6.38 -5.37
CA THR A 8 3.81 5.33 -6.36
C THR A 8 2.69 4.46 -5.79
N THR A 9 2.10 3.64 -6.62
CA THR A 9 1.00 2.75 -6.13
C THR A 9 1.32 1.29 -6.45
N PHE A 10 0.65 0.37 -5.80
CA PHE A 10 0.95 -1.08 -6.06
C PHE A 10 0.00 -1.96 -5.23
N LYS A 11 -0.06 -3.22 -5.55
CA LYS A 11 -0.94 -4.15 -4.78
C LYS A 11 -0.09 -5.09 -3.92
N ASP A 12 -0.28 -5.06 -2.63
CA ASP A 12 0.52 -5.96 -1.75
C ASP A 12 -0.29 -7.19 -1.37
N LYS A 13 -1.13 -7.09 -0.39
CA LYS A 13 -1.95 -8.26 0.04
C LYS A 13 -2.97 -8.61 -1.07
N CYS A 14 -4.22 -8.24 -0.89
CA CYS A 14 -5.23 -8.56 -1.94
C CYS A 14 -5.89 -7.27 -2.43
N ASN A 15 -5.14 -6.20 -2.47
CA ASN A 15 -5.70 -4.90 -2.94
C ASN A 15 -4.56 -3.95 -3.32
N THR A 16 -4.89 -2.81 -3.89
CA THR A 16 -3.82 -1.85 -4.28
C THR A 16 -3.29 -1.12 -3.04
N CYS A 17 -2.55 -0.06 -3.24
CA CYS A 17 -2.02 0.71 -2.07
C CYS A 17 -1.08 1.82 -2.56
N ARG A 18 -1.51 3.04 -2.47
CA ARG A 18 -0.66 4.17 -2.93
C ARG A 18 0.37 4.52 -1.84
N CYS A 19 1.57 4.02 -1.98
CA CYS A 19 2.62 4.32 -0.96
C CYS A 19 2.56 5.79 -0.53
N GLY A 20 2.29 6.03 0.72
CA GLY A 20 2.21 7.44 1.21
C GLY A 20 3.49 8.19 0.82
N SER A 21 3.55 9.45 1.11
CA SER A 21 4.76 10.24 0.74
C SER A 21 5.88 9.98 1.75
N ASP A 22 5.59 9.24 2.79
CA ASP A 22 6.65 8.96 3.81
C ASP A 22 7.35 7.64 3.49
N GLY A 23 6.76 6.83 2.65
CA GLY A 23 7.40 5.52 2.30
C GLY A 23 7.04 4.47 3.35
N LYS A 24 6.14 4.79 4.24
CA LYS A 24 5.75 3.81 5.29
C LYS A 24 4.30 4.04 5.71
N SER A 25 3.43 4.28 4.76
CA SER A 25 2.00 4.52 5.08
C SER A 25 1.20 4.56 3.78
N ALA A 26 0.39 3.56 3.53
CA ALA A 26 -0.39 3.55 2.27
C ALA A 26 -1.90 3.54 2.57
N ALA A 27 -2.71 3.72 1.57
CA ALA A 27 -4.18 3.74 1.80
C ALA A 27 -4.79 2.39 1.39
N CYS A 28 -4.30 1.83 0.32
CA CYS A 28 -4.84 0.54 -0.16
C CYS A 28 -6.30 0.69 -0.58
N THR A 29 -6.67 0.13 -1.70
CA THR A 29 -8.08 0.24 -2.17
C THR A 29 -9.03 -0.42 -1.17
N ARG A 30 -8.50 -1.12 -0.18
CA ARG A 30 -9.37 -1.80 0.82
C ARG A 30 -10.02 -3.04 0.21
N MET A 31 -9.80 -4.17 0.80
CA MET A 31 -10.41 -5.43 0.25
C MET A 31 -10.33 -6.55 1.30
N ALA A 32 -9.31 -6.56 2.11
CA ALA A 32 -9.18 -7.63 3.14
C ALA A 32 -8.80 -8.95 2.47
N CYS A 33 -7.88 -9.67 3.04
CA CYS A 33 -7.46 -10.96 2.42
C CYS A 33 -7.80 -12.13 3.36
N PRO A 34 -8.50 -13.09 2.83
CA PRO A 34 -8.89 -14.28 3.64
C PRO A 34 -7.66 -15.17 3.90
N GLN A 35 -6.76 -15.22 2.97
CA GLN A 35 -5.55 -16.08 3.15
C GLN A 35 -4.62 -15.96 1.95
N GLU A 1 9.53 2.95 5.77
CA GLU A 1 9.75 1.78 4.88
C GLU A 1 8.61 0.75 5.03
N VAL A 2 7.44 1.09 4.58
CA VAL A 2 6.30 0.13 4.69
C VAL A 2 6.48 -1.02 3.72
N THR A 3 7.14 -0.77 2.61
CA THR A 3 7.40 -1.83 1.58
C THR A 3 7.70 -1.14 0.24
N CYS A 4 7.30 0.10 0.09
CA CYS A 4 7.54 0.81 -1.19
C CYS A 4 7.89 2.28 -0.91
N GLU A 5 8.26 3.02 -1.92
CA GLU A 5 8.63 4.46 -1.71
C GLU A 5 7.40 5.34 -1.93
N PRO A 6 7.42 6.47 -1.30
CA PRO A 6 6.30 7.45 -1.43
C PRO A 6 6.25 8.03 -2.84
N GLY A 7 5.11 7.97 -3.47
CA GLY A 7 4.98 8.53 -4.85
C GLY A 7 4.77 7.38 -5.84
N THR A 8 4.06 6.36 -5.45
CA THR A 8 3.82 5.22 -6.39
C THR A 8 2.70 4.32 -5.87
N THR A 9 2.22 3.43 -6.70
CA THR A 9 1.13 2.51 -6.27
C THR A 9 1.58 1.06 -6.47
N PHE A 10 0.84 0.12 -5.93
CA PHE A 10 1.25 -1.32 -6.08
C PHE A 10 0.26 -2.22 -5.36
N LYS A 11 0.30 -3.48 -5.64
CA LYS A 11 -0.62 -4.45 -4.96
C LYS A 11 -0.40 -4.39 -3.44
N ASP A 12 -0.62 -5.48 -2.76
CA ASP A 12 -0.42 -5.53 -1.29
C ASP A 12 -0.88 -6.89 -0.75
N LYS A 13 -1.80 -7.54 -1.47
CA LYS A 13 -2.35 -8.90 -1.12
C LYS A 13 -3.86 -8.93 -1.36
N CYS A 14 -4.58 -7.98 -0.83
CA CYS A 14 -6.05 -7.97 -1.03
C CYS A 14 -6.46 -6.65 -1.70
N ASN A 15 -5.51 -5.82 -2.01
CA ASN A 15 -5.84 -4.51 -2.66
C ASN A 15 -4.57 -3.76 -3.02
N THR A 16 -4.62 -2.92 -4.00
CA THR A 16 -3.42 -2.13 -4.38
C THR A 16 -3.21 -1.00 -3.38
N CYS A 17 -2.00 -0.79 -2.93
CA CYS A 17 -1.76 0.29 -1.95
C CYS A 17 -0.99 1.46 -2.58
N ARG A 18 -1.56 2.63 -2.54
CA ARG A 18 -0.85 3.81 -3.13
C ARG A 18 0.14 4.36 -2.11
N CYS A 19 1.37 3.96 -2.24
CA CYS A 19 2.43 4.43 -1.31
C CYS A 19 2.17 5.88 -0.85
N GLY A 20 2.19 6.12 0.43
CA GLY A 20 1.93 7.49 0.95
C GLY A 20 3.12 8.40 0.63
N SER A 21 3.44 9.30 1.53
CA SER A 21 4.59 10.22 1.29
C SER A 21 5.68 9.99 2.33
N ASP A 22 5.59 8.94 3.09
CA ASP A 22 6.64 8.68 4.12
C ASP A 22 7.26 7.30 3.90
N GLY A 23 7.04 6.71 2.75
CA GLY A 23 7.62 5.37 2.47
C GLY A 23 7.29 4.41 3.61
N LYS A 24 6.27 4.72 4.38
CA LYS A 24 5.90 3.83 5.51
C LYS A 24 4.40 3.91 5.78
N SER A 25 3.65 4.46 4.85
CA SER A 25 2.18 4.57 5.05
C SER A 25 1.47 4.64 3.70
N ALA A 26 0.91 3.55 3.26
CA ALA A 26 0.21 3.55 1.94
C ALA A 26 -1.27 3.18 2.13
N ALA A 27 -2.12 3.70 1.30
CA ALA A 27 -3.57 3.37 1.43
C ALA A 27 -3.94 2.32 0.39
N CYS A 28 -4.70 1.33 0.77
CA CYS A 28 -5.08 0.28 -0.21
C CYS A 28 -6.53 0.48 -0.68
N THR A 29 -6.82 0.10 -1.90
CA THR A 29 -8.21 0.26 -2.42
C THR A 29 -9.23 -0.02 -1.31
N ARG A 30 -9.66 -1.25 -1.15
CA ARG A 30 -10.65 -1.53 -0.07
C ARG A 30 -10.92 -3.03 0.10
N MET A 31 -11.15 -3.74 -0.97
CA MET A 31 -11.45 -5.22 -0.91
C MET A 31 -11.06 -5.83 0.45
N ALA A 32 -9.79 -6.05 0.69
CA ALA A 32 -9.41 -6.65 2.01
C ALA A 32 -8.02 -6.17 2.47
N CYS A 33 -7.32 -7.00 3.21
CA CYS A 33 -5.98 -6.61 3.72
C CYS A 33 -6.08 -5.36 4.57
N PRO A 34 -6.93 -5.49 5.54
CA PRO A 34 -7.17 -4.39 6.51
C PRO A 34 -5.91 -4.12 7.33
N GLN A 35 -4.92 -4.96 7.21
CA GLN A 35 -3.66 -4.75 7.99
C GLN A 35 -2.87 -3.58 7.40
N GLU A 1 3.08 -2.64 7.98
CA GLU A 1 3.76 -1.37 7.60
C GLU A 1 3.72 -1.17 6.08
N VAL A 2 4.61 -0.40 5.55
CA VAL A 2 4.64 -0.17 4.07
C VAL A 2 6.08 -0.07 3.57
N THR A 3 6.61 -1.14 3.05
CA THR A 3 8.02 -1.11 2.54
C THR A 3 8.05 -0.57 1.11
N CYS A 4 6.92 -0.17 0.59
CA CYS A 4 6.88 0.36 -0.80
C CYS A 4 7.38 1.82 -0.82
N GLU A 5 7.63 2.34 -1.99
CA GLU A 5 8.12 3.75 -2.09
C GLU A 5 6.92 4.71 -2.15
N PRO A 6 7.10 5.86 -1.58
CA PRO A 6 6.02 6.88 -1.55
C PRO A 6 5.70 7.37 -2.97
N GLY A 7 4.46 7.25 -3.38
CA GLY A 7 4.09 7.71 -4.73
C GLY A 7 4.43 6.61 -5.75
N THR A 8 3.79 5.48 -5.65
CA THR A 8 4.10 4.37 -6.61
C THR A 8 2.88 3.48 -6.83
N THR A 9 2.03 3.34 -5.86
CA THR A 9 0.84 2.47 -6.02
C THR A 9 1.26 1.05 -6.38
N PHE A 10 0.87 0.08 -5.60
CA PHE A 10 1.28 -1.32 -5.90
C PHE A 10 0.29 -2.32 -5.29
N LYS A 11 0.01 -3.37 -5.99
CA LYS A 11 -0.94 -4.39 -5.45
C LYS A 11 -0.25 -5.21 -4.36
N ASP A 12 -0.67 -5.07 -3.13
CA ASP A 12 -0.02 -5.83 -2.03
C ASP A 12 -1.05 -6.63 -1.25
N LYS A 13 -0.88 -7.92 -1.17
CA LYS A 13 -1.84 -8.78 -0.41
C LYS A 13 -3.15 -8.96 -1.19
N CYS A 14 -4.00 -7.97 -1.19
CA CYS A 14 -5.30 -8.10 -1.92
C CYS A 14 -5.59 -6.85 -2.74
N ASN A 15 -5.22 -5.71 -2.24
CA ASN A 15 -5.51 -4.44 -2.97
C ASN A 15 -4.22 -3.72 -3.34
N THR A 16 -4.32 -2.50 -3.79
CA THR A 16 -3.10 -1.74 -4.16
C THR A 16 -2.94 -0.52 -3.25
N CYS A 17 -1.74 -0.24 -2.81
CA CYS A 17 -1.52 0.94 -1.92
C CYS A 17 -0.74 2.03 -2.67
N ARG A 18 -1.32 3.19 -2.80
CA ARG A 18 -0.64 4.31 -3.52
C ARG A 18 0.69 4.66 -2.84
N CYS A 19 0.86 4.26 -1.62
CA CYS A 19 2.10 4.58 -0.88
C CYS A 19 2.16 6.09 -0.58
N GLY A 20 1.94 6.45 0.66
CA GLY A 20 1.96 7.89 1.04
C GLY A 20 3.33 8.51 0.70
N SER A 21 3.65 9.61 1.32
CA SER A 21 4.95 10.27 1.02
C SER A 21 6.00 9.90 2.09
N ASP A 22 5.58 9.22 3.13
CA ASP A 22 6.54 8.82 4.19
C ASP A 22 7.30 7.56 3.78
N GLY A 23 6.79 6.81 2.86
CA GLY A 23 7.48 5.57 2.41
C GLY A 23 7.20 4.44 3.41
N LYS A 24 6.52 4.74 4.48
CA LYS A 24 6.21 3.69 5.48
C LYS A 24 4.72 3.75 5.86
N SER A 25 3.93 4.44 5.10
CA SER A 25 2.48 4.53 5.41
C SER A 25 1.68 4.88 4.16
N ALA A 26 0.56 4.24 3.95
CA ALA A 26 -0.25 4.53 2.73
C ALA A 26 -1.66 3.96 2.88
N ALA A 27 -2.43 4.00 1.82
CA ALA A 27 -3.81 3.46 1.90
C ALA A 27 -4.06 2.54 0.70
N CYS A 28 -4.85 1.52 0.89
CA CYS A 28 -5.12 0.59 -0.24
C CYS A 28 -6.59 0.67 -0.66
N THR A 29 -6.89 0.40 -1.90
CA THR A 29 -8.31 0.47 -2.36
C THR A 29 -9.21 -0.35 -1.43
N ARG A 30 -9.64 -1.52 -1.83
CA ARG A 30 -10.51 -2.34 -0.94
C ARG A 30 -10.87 -3.67 -1.60
N MET A 31 -9.98 -4.24 -2.36
CA MET A 31 -10.28 -5.53 -3.03
C MET A 31 -10.71 -6.59 -1.99
N ALA A 32 -9.78 -7.24 -1.32
CA ALA A 32 -10.14 -8.28 -0.29
C ALA A 32 -8.98 -9.24 -0.05
N CYS A 33 -8.51 -9.34 1.16
CA CYS A 33 -7.38 -10.27 1.44
C CYS A 33 -7.80 -11.32 2.46
N PRO A 34 -6.97 -12.32 2.62
CA PRO A 34 -7.27 -13.41 3.58
C PRO A 34 -7.07 -12.94 5.02
N GLN A 35 -6.16 -12.02 5.22
CA GLN A 35 -5.92 -11.52 6.61
C GLN A 35 -6.76 -10.26 6.87
N GLU A 1 2.76 -4.94 6.03
CA GLU A 1 3.60 -3.70 6.05
C GLU A 1 3.74 -3.13 4.63
N VAL A 2 4.28 -1.95 4.50
CA VAL A 2 4.44 -1.35 3.15
C VAL A 2 5.79 -0.61 3.06
N THR A 3 6.87 -1.34 2.89
CA THR A 3 8.19 -0.68 2.79
C THR A 3 8.34 0.01 1.43
N CYS A 4 7.39 -0.16 0.56
CA CYS A 4 7.46 0.47 -0.78
C CYS A 4 7.92 1.93 -0.65
N GLU A 5 8.25 2.56 -1.76
CA GLU A 5 8.71 3.98 -1.71
C GLU A 5 7.52 4.93 -1.94
N PRO A 6 7.59 6.07 -1.31
CA PRO A 6 6.51 7.08 -1.44
C PRO A 6 6.49 7.68 -2.85
N GLY A 7 5.42 7.46 -3.57
CA GLY A 7 5.33 8.03 -4.95
C GLY A 7 4.98 6.92 -5.95
N THR A 8 4.19 5.96 -5.53
CA THR A 8 3.81 4.86 -6.46
C THR A 8 2.67 4.03 -5.88
N THR A 9 2.01 3.25 -6.69
CA THR A 9 0.90 2.38 -6.21
C THR A 9 1.22 0.93 -6.57
N PHE A 10 0.62 -0.01 -5.90
CA PHE A 10 0.91 -1.44 -6.24
C PHE A 10 -0.08 -2.38 -5.57
N LYS A 11 -0.47 -3.42 -6.24
CA LYS A 11 -1.43 -4.40 -5.66
C LYS A 11 -0.71 -5.36 -4.72
N ASP A 12 -0.91 -5.23 -3.44
CA ASP A 12 -0.22 -6.14 -2.48
C ASP A 12 -1.22 -6.64 -1.43
N LYS A 13 -0.96 -7.80 -0.89
CA LYS A 13 -1.89 -8.37 0.14
C LYS A 13 -3.26 -8.66 -0.45
N CYS A 14 -4.08 -7.66 -0.63
CA CYS A 14 -5.44 -7.91 -1.20
C CYS A 14 -5.88 -6.79 -2.14
N ASN A 15 -5.06 -5.80 -2.35
CA ASN A 15 -5.49 -4.68 -3.24
C ASN A 15 -4.35 -3.67 -3.44
N THR A 16 -4.58 -2.68 -4.25
CA THR A 16 -3.51 -1.66 -4.49
C THR A 16 -3.42 -0.69 -3.32
N CYS A 17 -2.23 -0.34 -2.92
CA CYS A 17 -2.06 0.62 -1.79
C CYS A 17 -1.15 1.77 -2.18
N ARG A 18 -1.70 2.82 -2.71
CA ARG A 18 -0.87 3.98 -3.13
C ARG A 18 0.16 4.32 -2.04
N CYS A 19 1.40 4.04 -2.30
CA CYS A 19 2.46 4.35 -1.31
C CYS A 19 2.29 5.79 -0.81
N GLY A 20 2.27 5.99 0.48
CA GLY A 20 2.11 7.37 1.02
C GLY A 20 3.39 8.18 0.78
N SER A 21 3.42 9.39 1.24
CA SER A 21 4.64 10.24 1.05
C SER A 21 5.49 10.24 2.32
N ASP A 22 5.12 9.45 3.29
CA ASP A 22 5.91 9.42 4.56
C ASP A 22 7.11 8.47 4.40
N GLY A 23 6.98 7.48 3.56
CA GLY A 23 8.10 6.52 3.37
C GLY A 23 7.60 5.09 3.55
N LYS A 24 6.83 4.85 4.57
CA LYS A 24 6.31 3.47 4.80
C LYS A 24 4.85 3.51 5.24
N SER A 25 3.99 4.10 4.45
CA SER A 25 2.55 4.16 4.83
C SER A 25 1.68 4.49 3.61
N ALA A 26 0.55 3.83 3.48
CA ALA A 26 -0.32 4.11 2.31
C ALA A 26 -1.72 3.54 2.55
N ALA A 27 -2.65 3.85 1.69
CA ALA A 27 -4.03 3.31 1.86
C ALA A 27 -4.34 2.32 0.75
N CYS A 28 -5.04 1.27 1.06
CA CYS A 28 -5.37 0.29 -0.01
C CYS A 28 -6.76 0.57 -0.59
N THR A 29 -6.91 0.42 -1.87
CA THR A 29 -8.23 0.68 -2.50
C THR A 29 -9.31 -0.15 -1.80
N ARG A 30 -9.43 -1.40 -2.17
CA ARG A 30 -10.46 -2.28 -1.53
C ARG A 30 -9.97 -2.71 -0.14
N MET A 31 -10.18 -3.95 0.21
CA MET A 31 -9.72 -4.42 1.56
C MET A 31 -10.10 -5.89 1.75
N ALA A 32 -9.48 -6.79 1.02
CA ALA A 32 -9.83 -8.23 1.18
C ALA A 32 -8.57 -9.07 1.34
N CYS A 33 -7.91 -9.00 2.47
CA CYS A 33 -6.67 -9.80 2.65
C CYS A 33 -6.81 -10.69 3.89
N PRO A 34 -6.37 -11.92 3.75
CA PRO A 34 -6.43 -12.89 4.86
C PRO A 34 -5.34 -12.59 5.89
N GLN A 35 -4.19 -12.16 5.44
CA GLN A 35 -3.08 -11.87 6.38
C GLN A 35 -2.45 -10.51 6.05
N GLU A 1 3.09 -2.44 7.80
CA GLU A 1 4.44 -2.02 7.31
C GLU A 1 4.41 -1.81 5.79
N VAL A 2 5.36 -1.09 5.27
CA VAL A 2 5.39 -0.84 3.80
C VAL A 2 6.80 -0.47 3.34
N THR A 3 7.50 -1.40 2.75
CA THR A 3 8.89 -1.10 2.28
C THR A 3 8.84 -0.50 0.87
N CYS A 4 7.72 0.01 0.47
CA CYS A 4 7.60 0.59 -0.90
C CYS A 4 8.02 2.07 -0.86
N GLU A 5 8.19 2.67 -2.02
CA GLU A 5 8.60 4.11 -2.06
C GLU A 5 7.35 5.00 -2.11
N PRO A 6 7.49 6.17 -1.57
CA PRO A 6 6.35 7.13 -1.53
C PRO A 6 6.05 7.65 -2.95
N GLY A 7 4.81 7.98 -3.21
CA GLY A 7 4.45 8.49 -4.57
C GLY A 7 4.34 7.31 -5.54
N THR A 8 3.92 6.17 -5.05
CA THR A 8 3.79 4.99 -5.94
C THR A 8 2.60 4.12 -5.52
N THR A 9 2.22 3.18 -6.34
CA THR A 9 1.08 2.29 -5.99
C THR A 9 1.42 0.84 -6.35
N PHE A 10 0.66 -0.10 -5.86
CA PHE A 10 0.96 -1.52 -6.19
C PHE A 10 -0.07 -2.45 -5.53
N LYS A 11 -0.27 -3.62 -6.08
CA LYS A 11 -1.26 -4.55 -5.49
C LYS A 11 -0.59 -5.42 -4.42
N ASP A 12 -0.79 -5.10 -3.18
CA ASP A 12 -0.18 -5.91 -2.09
C ASP A 12 -1.25 -6.45 -1.15
N LYS A 13 -0.94 -7.49 -0.43
CA LYS A 13 -1.93 -8.07 0.52
C LYS A 13 -3.19 -8.53 -0.24
N CYS A 14 -4.09 -7.63 -0.56
CA CYS A 14 -5.31 -8.06 -1.30
C CYS A 14 -5.95 -6.88 -2.04
N ASN A 15 -5.22 -5.82 -2.26
CA ASN A 15 -5.77 -4.64 -2.99
C ASN A 15 -4.65 -3.66 -3.32
N THR A 16 -4.83 -2.82 -4.30
CA THR A 16 -3.76 -1.84 -4.65
C THR A 16 -3.48 -0.94 -3.46
N CYS A 17 -2.28 -0.44 -3.34
CA CYS A 17 -1.95 0.43 -2.18
C CYS A 17 -1.06 1.60 -2.61
N ARG A 18 -1.57 2.80 -2.58
CA ARG A 18 -0.75 3.97 -3.00
C ARG A 18 0.20 4.36 -1.88
N CYS A 19 1.47 4.15 -2.11
CA CYS A 19 2.49 4.49 -1.08
C CYS A 19 2.33 5.97 -0.66
N GLY A 20 2.35 6.23 0.62
CA GLY A 20 2.20 7.64 1.09
C GLY A 20 3.46 8.44 0.72
N SER A 21 3.57 9.63 1.24
CA SER A 21 4.77 10.46 0.93
C SER A 21 5.87 10.24 1.98
N ASP A 22 5.52 9.67 3.09
CA ASP A 22 6.53 9.44 4.16
C ASP A 22 6.98 7.96 4.15
N GLY A 23 6.65 7.24 3.11
CA GLY A 23 7.05 5.81 3.03
C GLY A 23 6.50 5.06 4.25
N LYS A 24 6.76 3.79 4.35
CA LYS A 24 6.26 3.01 5.51
C LYS A 24 4.76 3.30 5.73
N SER A 25 4.07 3.73 4.70
CA SER A 25 2.62 4.02 4.86
C SER A 25 1.96 4.14 3.48
N ALA A 26 0.88 3.43 3.26
CA ALA A 26 0.20 3.51 1.93
C ALA A 26 -1.28 3.13 2.08
N ALA A 27 -2.15 3.78 1.35
CA ALA A 27 -3.60 3.46 1.44
C ALA A 27 -3.98 2.54 0.27
N CYS A 28 -4.95 1.71 0.45
CA CYS A 28 -5.34 0.79 -0.66
C CYS A 28 -6.79 1.03 -1.10
N THR A 29 -7.05 0.87 -2.37
CA THR A 29 -8.44 1.09 -2.88
C THR A 29 -9.46 0.41 -1.96
N ARG A 30 -9.41 -0.88 -1.87
CA ARG A 30 -10.38 -1.59 -0.99
C ARG A 30 -9.80 -1.77 0.41
N MET A 31 -8.56 -2.16 0.50
CA MET A 31 -7.93 -2.34 1.84
C MET A 31 -8.78 -3.29 2.69
N ALA A 32 -8.31 -4.49 2.90
CA ALA A 32 -9.08 -5.48 3.72
C ALA A 32 -8.53 -6.89 3.47
N CYS A 33 -7.33 -7.17 3.88
CA CYS A 33 -6.77 -8.52 3.64
C CYS A 33 -6.95 -9.39 4.89
N PRO A 34 -6.92 -10.68 4.67
CA PRO A 34 -7.07 -11.64 5.79
C PRO A 34 -5.82 -11.67 6.67
N GLN A 35 -4.74 -11.11 6.20
CA GLN A 35 -3.49 -11.11 6.99
C GLN A 35 -3.54 -10.01 8.06
N GLU A 1 3.22 -3.94 6.72
CA GLU A 1 3.89 -2.61 6.66
C GLU A 1 3.93 -2.10 5.22
N VAL A 2 4.77 -1.14 4.94
CA VAL A 2 4.85 -0.61 3.55
C VAL A 2 6.29 -0.22 3.21
N THR A 3 7.04 -1.13 2.65
CA THR A 3 8.45 -0.81 2.28
C THR A 3 8.50 -0.43 0.80
N CYS A 4 7.36 -0.12 0.24
CA CYS A 4 7.32 0.27 -1.21
C CYS A 4 7.74 1.75 -1.35
N GLU A 5 7.84 2.22 -2.56
CA GLU A 5 8.22 3.65 -2.76
C GLU A 5 7.05 4.57 -2.40
N PRO A 6 7.35 5.56 -1.61
CA PRO A 6 6.30 6.52 -1.19
C PRO A 6 5.80 7.34 -2.39
N GLY A 7 4.59 7.11 -2.80
CA GLY A 7 4.04 7.87 -3.97
C GLY A 7 4.28 7.05 -5.25
N THR A 8 3.75 5.87 -5.32
CA THR A 8 3.96 5.02 -6.54
C THR A 8 2.79 4.05 -6.74
N THR A 9 2.21 3.56 -5.67
CA THR A 9 1.08 2.61 -5.79
C THR A 9 1.57 1.21 -6.19
N PHE A 10 0.94 0.19 -5.68
CA PHE A 10 1.38 -1.20 -6.01
C PHE A 10 0.48 -2.21 -5.30
N LYS A 11 0.44 -3.43 -5.77
CA LYS A 11 -0.41 -4.45 -5.12
C LYS A 11 0.41 -5.21 -4.06
N ASP A 12 -0.20 -5.54 -2.95
CA ASP A 12 0.55 -6.27 -1.88
C ASP A 12 -0.25 -7.49 -1.41
N LYS A 13 -1.52 -7.32 -1.18
CA LYS A 13 -2.35 -8.46 -0.72
C LYS A 13 -3.56 -8.63 -1.63
N CYS A 14 -4.71 -8.12 -1.26
CA CYS A 14 -5.91 -8.24 -2.13
C CYS A 14 -6.31 -6.87 -2.65
N ASN A 15 -5.44 -5.91 -2.52
CA ASN A 15 -5.76 -4.53 -3.01
C ASN A 15 -4.48 -3.85 -3.48
N THR A 16 -4.49 -2.55 -3.61
CA THR A 16 -3.27 -1.84 -4.08
C THR A 16 -2.96 -0.67 -3.14
N CYS A 17 -1.74 -0.56 -2.67
CA CYS A 17 -1.39 0.57 -1.75
C CYS A 17 -0.72 1.70 -2.52
N ARG A 18 -1.34 2.85 -2.56
CA ARG A 18 -0.75 4.01 -3.28
C ARG A 18 0.63 4.37 -2.69
N CYS A 19 0.95 3.84 -1.55
CA CYS A 19 2.26 4.15 -0.91
C CYS A 19 2.33 5.64 -0.59
N GLY A 20 1.91 6.04 0.58
CA GLY A 20 1.93 7.47 0.95
C GLY A 20 3.29 8.08 0.61
N SER A 21 3.42 9.38 0.72
CA SER A 21 4.72 10.04 0.40
C SER A 21 5.60 10.06 1.65
N ASP A 22 5.26 9.29 2.65
CA ASP A 22 6.09 9.27 3.89
C ASP A 22 7.21 8.22 3.76
N GLY A 23 6.93 7.13 3.12
CA GLY A 23 7.98 6.07 2.97
C GLY A 23 7.46 4.75 3.54
N LYS A 24 6.57 4.82 4.49
CA LYS A 24 6.03 3.58 5.10
C LYS A 24 4.60 3.81 5.60
N SER A 25 3.75 4.34 4.75
CA SER A 25 2.35 4.60 5.16
C SER A 25 1.48 4.85 3.94
N ALA A 26 0.45 4.08 3.76
CA ALA A 26 -0.44 4.28 2.58
C ALA A 26 -1.90 3.99 2.95
N ALA A 27 -2.81 4.25 2.05
CA ALA A 27 -4.24 3.99 2.34
C ALA A 27 -4.64 2.65 1.75
N CYS A 28 -4.33 2.46 0.50
CA CYS A 28 -4.65 1.18 -0.19
C CYS A 28 -6.14 1.08 -0.52
N THR A 29 -6.46 0.59 -1.68
CA THR A 29 -7.89 0.47 -2.08
C THR A 29 -8.72 -0.09 -0.92
N ARG A 30 -8.09 -0.83 -0.04
CA ARG A 30 -8.84 -1.39 1.12
C ARG A 30 -9.79 -2.49 0.66
N MET A 31 -9.28 -3.69 0.48
CA MET A 31 -10.17 -4.80 0.02
C MET A 31 -10.07 -5.98 0.99
N ALA A 32 -9.12 -5.97 1.88
CA ALA A 32 -8.99 -7.10 2.85
C ALA A 32 -8.57 -8.38 2.11
N CYS A 33 -7.63 -9.10 2.64
CA CYS A 33 -7.19 -10.35 1.96
C CYS A 33 -7.14 -11.52 2.95
N PRO A 34 -7.93 -12.52 2.66
CA PRO A 34 -7.97 -13.72 3.54
C PRO A 34 -6.75 -14.61 3.31
N GLN A 35 -5.86 -14.18 2.46
CA GLN A 35 -4.64 -15.00 2.19
C GLN A 35 -3.38 -14.13 2.30
N GLU A 1 4.35 0.93 9.26
CA GLU A 1 4.52 -0.53 9.01
C GLU A 1 4.84 -0.79 7.54
N VAL A 2 4.46 0.10 6.68
CA VAL A 2 4.75 -0.10 5.23
C VAL A 2 6.20 0.30 4.92
N THR A 3 6.87 -0.45 4.09
CA THR A 3 8.28 -0.12 3.73
C THR A 3 8.40 -0.08 2.21
N CYS A 4 7.38 0.39 1.55
CA CYS A 4 7.41 0.44 0.06
C CYS A 4 8.05 1.75 -0.43
N GLU A 5 7.91 2.03 -1.71
CA GLU A 5 8.51 3.28 -2.27
C GLU A 5 7.41 4.35 -2.41
N PRO A 6 7.61 5.45 -1.73
CA PRO A 6 6.63 6.56 -1.78
C PRO A 6 6.65 7.24 -3.14
N GLY A 7 5.64 7.03 -3.95
CA GLY A 7 5.64 7.69 -5.29
C GLY A 7 4.54 7.13 -6.20
N THR A 8 3.98 5.98 -5.91
CA THR A 8 2.92 5.45 -6.81
C THR A 8 2.03 4.43 -6.09
N THR A 9 1.03 3.93 -6.77
CA THR A 9 0.12 2.93 -6.13
C THR A 9 0.46 1.52 -6.62
N PHE A 10 0.00 0.51 -5.93
CA PHE A 10 0.31 -0.88 -6.34
C PHE A 10 -0.37 -1.88 -5.41
N LYS A 11 -0.39 -3.13 -5.78
CA LYS A 11 -1.03 -4.16 -4.90
C LYS A 11 0.03 -4.78 -3.98
N ASP A 12 -0.04 -4.54 -2.71
CA ASP A 12 0.96 -5.11 -1.76
C ASP A 12 0.53 -6.50 -1.30
N LYS A 13 -0.70 -6.66 -0.92
CA LYS A 13 -1.18 -7.99 -0.46
C LYS A 13 -2.34 -8.49 -1.33
N CYS A 14 -3.50 -7.93 -1.14
CA CYS A 14 -4.69 -8.37 -1.90
C CYS A 14 -5.34 -7.17 -2.60
N ASN A 15 -5.01 -5.99 -2.15
CA ASN A 15 -5.62 -4.76 -2.75
C ASN A 15 -4.53 -3.73 -3.06
N THR A 16 -4.86 -2.75 -3.87
CA THR A 16 -3.85 -1.70 -4.21
C THR A 16 -3.36 -1.01 -2.94
N CYS A 17 -2.38 -0.14 -3.07
CA CYS A 17 -1.85 0.57 -1.87
C CYS A 17 -1.01 1.77 -2.33
N ARG A 18 -1.52 2.97 -2.19
CA ARG A 18 -0.73 4.15 -2.61
C ARG A 18 0.42 4.40 -1.67
N CYS A 19 1.56 3.89 -2.03
CA CYS A 19 2.78 4.07 -1.20
C CYS A 19 2.77 5.47 -0.56
N GLY A 20 2.56 5.54 0.72
CA GLY A 20 2.52 6.86 1.42
C GLY A 20 3.65 7.75 0.90
N SER A 21 3.61 9.02 1.23
CA SER A 21 4.69 9.93 0.76
C SER A 21 5.93 9.78 1.65
N ASP A 22 5.79 9.09 2.75
CA ASP A 22 6.95 8.88 3.67
C ASP A 22 7.48 7.45 3.54
N GLY A 23 6.75 6.60 2.87
CA GLY A 23 7.21 5.19 2.71
C GLY A 23 6.74 4.35 3.88
N LYS A 24 5.86 4.87 4.70
CA LYS A 24 5.36 4.07 5.86
C LYS A 24 3.87 4.31 6.09
N SER A 25 3.11 4.45 5.02
CA SER A 25 1.64 4.69 5.17
C SER A 25 0.96 4.57 3.81
N ALA A 26 0.26 3.50 3.57
CA ALA A 26 -0.42 3.35 2.26
C ALA A 26 -1.95 3.36 2.46
N ALA A 27 -2.67 3.87 1.51
CA ALA A 27 -4.15 3.92 1.65
C ALA A 27 -4.76 2.59 1.20
N CYS A 28 -4.49 2.21 0.00
CA CYS A 28 -5.04 0.92 -0.53
C CYS A 28 -6.56 1.02 -0.72
N THR A 29 -7.06 0.49 -1.80
CA THR A 29 -8.53 0.55 -2.07
C THR A 29 -9.29 -0.25 -1.01
N ARG A 30 -8.69 -1.27 -0.47
CA ARG A 30 -9.38 -2.08 0.57
C ARG A 30 -8.59 -2.06 1.88
N MET A 31 -7.46 -2.71 1.91
CA MET A 31 -6.65 -2.72 3.17
C MET A 31 -5.38 -3.56 2.97
N ALA A 32 -5.51 -4.86 2.88
CA ALA A 32 -4.31 -5.74 2.70
C ALA A 32 -4.67 -7.20 2.99
N CYS A 33 -4.42 -8.08 2.06
CA CYS A 33 -4.74 -9.52 2.28
C CYS A 33 -3.81 -10.42 1.45
N PRO A 34 -3.74 -11.66 1.86
CA PRO A 34 -2.88 -12.65 1.20
C PRO A 34 -3.63 -13.33 0.05
N GLN A 35 -4.02 -12.57 -0.92
CA GLN A 35 -4.76 -13.15 -2.08
C GLN A 35 -6.03 -13.85 -1.61
N GLU A 1 1.81 -0.74 8.08
CA GLU A 1 2.52 -1.90 7.47
C GLU A 1 2.80 -1.64 5.99
N VAL A 2 3.57 -0.63 5.69
CA VAL A 2 3.89 -0.32 4.28
C VAL A 2 5.41 -0.39 4.04
N THR A 3 5.83 -1.19 3.11
CA THR A 3 7.28 -1.31 2.82
C THR A 3 7.54 -1.02 1.34
N CYS A 4 6.67 -0.28 0.72
CA CYS A 4 6.85 0.05 -0.72
C CYS A 4 7.46 1.45 -0.87
N GLU A 5 7.67 1.90 -2.08
CA GLU A 5 8.24 3.26 -2.28
C GLU A 5 7.16 4.31 -2.07
N PRO A 6 7.55 5.42 -1.53
CA PRO A 6 6.58 6.51 -1.26
C PRO A 6 6.09 7.13 -2.57
N GLY A 7 4.81 7.00 -2.85
CA GLY A 7 4.26 7.56 -4.11
C GLY A 7 4.49 6.57 -5.26
N THR A 8 3.66 5.57 -5.37
CA THR A 8 3.85 4.57 -6.47
C THR A 8 2.61 3.70 -6.70
N THR A 9 1.69 3.64 -5.76
CA THR A 9 0.45 2.81 -5.91
C THR A 9 0.80 1.42 -6.46
N PHE A 10 0.61 0.40 -5.67
CA PHE A 10 0.93 -0.97 -6.14
C PHE A 10 -0.09 -1.98 -5.61
N LYS A 11 -0.16 -3.13 -6.22
CA LYS A 11 -1.12 -4.17 -5.76
C LYS A 11 -0.39 -5.21 -4.90
N ASP A 12 -0.28 -4.96 -3.62
CA ASP A 12 0.43 -5.93 -2.73
C ASP A 12 -0.59 -6.67 -1.86
N LYS A 13 -0.18 -7.73 -1.23
CA LYS A 13 -1.12 -8.48 -0.36
C LYS A 13 -2.35 -8.91 -1.18
N CYS A 14 -3.48 -8.29 -0.95
CA CYS A 14 -4.68 -8.67 -1.73
C CYS A 14 -5.42 -7.40 -2.18
N ASN A 15 -4.73 -6.30 -2.24
CA ASN A 15 -5.37 -5.02 -2.65
C ASN A 15 -4.32 -4.07 -3.23
N THR A 16 -4.55 -2.79 -3.18
CA THR A 16 -3.56 -1.82 -3.73
C THR A 16 -3.02 -0.92 -2.62
N CYS A 17 -2.36 0.15 -2.97
CA CYS A 17 -1.80 1.09 -1.94
C CYS A 17 -0.92 2.16 -2.61
N ARG A 18 -1.43 3.36 -2.72
CA ARG A 18 -0.65 4.47 -3.35
C ARG A 18 0.74 4.60 -2.74
N CYS A 19 0.85 4.27 -1.49
CA CYS A 19 2.16 4.40 -0.77
C CYS A 19 2.42 5.88 -0.46
N GLY A 20 2.01 6.32 0.70
CA GLY A 20 2.22 7.75 1.09
C GLY A 20 3.63 8.19 0.73
N SER A 21 3.90 9.46 0.82
CA SER A 21 5.27 9.95 0.48
C SER A 21 6.25 9.63 1.62
N ASP A 22 5.74 9.15 2.72
CA ASP A 22 6.64 8.82 3.87
C ASP A 22 7.26 7.43 3.69
N GLY A 23 6.77 6.66 2.76
CA GLY A 23 7.34 5.31 2.54
C GLY A 23 6.87 4.34 3.64
N LYS A 24 6.05 4.79 4.54
CA LYS A 24 5.58 3.88 5.64
C LYS A 24 4.11 4.13 5.94
N SER A 25 3.39 4.70 5.02
CA SER A 25 1.95 4.97 5.25
C SER A 25 1.23 5.09 3.90
N ALA A 26 0.23 4.31 3.68
CA ALA A 26 -0.46 4.38 2.36
C ALA A 26 -1.98 4.35 2.54
N ALA A 27 -2.70 4.46 1.45
CA ALA A 27 -4.19 4.45 1.54
C ALA A 27 -4.71 3.03 1.33
N CYS A 28 -4.19 2.36 0.34
CA CYS A 28 -4.62 0.98 0.06
C CYS A 28 -6.11 0.95 -0.30
N THR A 29 -6.46 0.25 -1.36
CA THR A 29 -7.90 0.18 -1.75
C THR A 29 -8.71 -0.47 -0.64
N ARG A 30 -8.06 -1.27 0.17
CA ARG A 30 -8.78 -1.96 1.29
C ARG A 30 -9.66 -3.08 0.73
N MET A 31 -9.28 -4.31 0.97
CA MET A 31 -10.09 -5.44 0.44
C MET A 31 -10.25 -6.54 1.51
N ALA A 32 -9.21 -7.29 1.77
CA ALA A 32 -9.29 -8.37 2.80
C ALA A 32 -8.13 -9.36 2.60
N CYS A 33 -6.99 -9.10 3.17
CA CYS A 33 -5.86 -10.04 2.98
C CYS A 33 -5.64 -10.87 4.25
N PRO A 34 -5.87 -12.15 4.14
CA PRO A 34 -5.69 -13.07 5.29
C PRO A 34 -4.20 -13.28 5.58
N GLN A 35 -3.40 -13.39 4.55
CA GLN A 35 -1.95 -13.60 4.75
C GLN A 35 -1.35 -12.44 5.56
#